data_6ONS
#
_entry.id   6ONS
#
_cell.length_a   110.544
_cell.length_b   100.609
_cell.length_c   65.343
_cell.angle_alpha   90.000
_cell.angle_beta   124.750
_cell.angle_gamma   90.000
#
_symmetry.space_group_name_H-M   'C 1 2 1'
#
loop_
_entity.id
_entity.type
_entity.pdbx_description
1 polymer 'Carbon monoxide dehydrogenase'
2 non-polymer 'IRON/SULFUR CLUSTER'
3 non-polymer 'FE(4)-NI(1)-S(4) CLUSTER'
4 water water
#
_entity_poly.entity_id   1
_entity_poly.type   'polypeptide(L)'
_entity_poly.pdbx_seq_one_letter_code
;MWSHPAVRKSSSKTIRSRSIWDDAHAMLEKAKAEGISTVWDRAAEQTPAAKFAELGTTCRNCIMGPCRIANRKDGKMRLG
VCGADADVIVARNFGRFIAGGAAGHSDHGRDLIETLEAVAEGKAPGYTIRDVAKLRRIAAELGVADAATRPAHDVAADLV
TICYNDFGSRRNALAFLARAPQVRRDLWQRLGMTPRGVDREIAEMMHRTHMGCDNDHTSLLVHAARTALADGWGGSMIGT
ELSDILFGTPRPRQSTVNLGVLRKDAVNILVHGHNPVVSEMILAATREPAVRQAAQDAGAADINVAGLCCTGNELLMRQG
IPMAGNHLMTELAIVTGAADAIVADYQCIMPSLVQIAACYHTRFVTTSPKGRFTGATHVEVHPHNAQERCREIVMLAIDA
YTRRDPARVDIPSQPVSIMSGFSNEAILEALGGTPKPLIDAVVAGQIRGFVGIVGCNNPKIRQDSANVTLTRELIRRDIM
VLATGCVTTAAGKAGLLVPEAASKAGEGLAAVCRSLGVPPVLHMGSCVDNSRILQLCALLATTLGVDISDLPVGASSPEW
YSEKAAAIAMYAVASGIPTHLGLPPNILGSENVTAMALHGLQDVVGAAFMVEPDPVKAADMLEAHIVARRARLGLTS
;
_entity_poly.pdbx_strand_id   A
#
loop_
_chem_comp.id
_chem_comp.type
_chem_comp.name
_chem_comp.formula
SF4 non-polymer 'IRON/SULFUR CLUSTER' 'Fe4 S4'
XCC non-polymer 'FE(4)-NI(1)-S(4) CLUSTER' 'Fe4 Ni S4'
#
# COMPACT_ATOMS: atom_id res chain seq x y z
N SER A 12 -3.40 -11.82 -27.61
CA SER A 12 -4.04 -11.95 -28.91
C SER A 12 -5.20 -12.94 -28.86
N LYS A 13 -6.05 -12.79 -27.85
CA LYS A 13 -7.23 -13.65 -27.70
C LYS A 13 -8.20 -12.94 -26.75
N THR A 14 -9.00 -13.73 -26.02
CA THR A 14 -9.73 -13.17 -24.89
C THR A 14 -8.80 -12.88 -23.71
N ILE A 15 -7.54 -13.31 -23.80
CA ILE A 15 -6.52 -12.93 -22.83
C ILE A 15 -6.36 -11.42 -22.79
N ARG A 16 -6.50 -10.76 -23.94
CA ARG A 16 -6.36 -9.31 -24.01
C ARG A 16 -7.41 -8.59 -23.16
N SER A 17 -8.52 -9.25 -22.82
CA SER A 17 -9.53 -8.66 -21.95
C SER A 17 -9.17 -8.77 -20.47
N ARG A 18 -8.07 -9.45 -20.14
CA ARG A 18 -7.66 -9.59 -18.75
C ARG A 18 -6.66 -8.53 -18.33
N SER A 19 -5.86 -8.01 -19.26
CA SER A 19 -4.85 -7.01 -18.96
C SER A 19 -4.70 -6.08 -20.15
N ILE A 20 -4.20 -4.87 -19.89
CA ILE A 20 -3.96 -3.89 -20.94
C ILE A 20 -2.52 -3.89 -21.42
N TRP A 21 -1.63 -4.64 -20.77
CA TRP A 21 -0.21 -4.58 -21.07
C TRP A 21 0.21 -5.72 -21.99
N ASP A 22 1.28 -5.46 -22.77
CA ASP A 22 1.76 -6.46 -23.71
C ASP A 22 2.49 -7.60 -22.99
N ASP A 23 3.28 -7.28 -21.96
CA ASP A 23 4.02 -8.32 -21.24
C ASP A 23 3.08 -9.30 -20.55
N ALA A 24 1.90 -8.82 -20.12
CA ALA A 24 0.93 -9.73 -19.53
C ALA A 24 0.29 -10.62 -20.60
N HIS A 25 -0.03 -10.04 -21.76
CA HIS A 25 -0.58 -10.82 -22.86
C HIS A 25 0.41 -11.88 -23.33
N ALA A 26 1.70 -11.56 -23.33
CA ALA A 26 2.70 -12.53 -23.77
C ALA A 26 2.82 -13.68 -22.79
N MET A 27 2.70 -13.40 -21.49
CA MET A 27 2.86 -14.45 -20.49
C MET A 27 1.58 -15.24 -20.27
N LEU A 28 0.42 -14.62 -20.47
CA LEU A 28 -0.83 -15.36 -20.39
C LEU A 28 -0.94 -16.36 -21.54
N GLU A 29 -0.44 -15.99 -22.72
CA GLU A 29 -0.37 -16.94 -23.83
C GLU A 29 0.64 -18.03 -23.53
N LYS A 30 1.77 -17.69 -22.90
CA LYS A 30 2.77 -18.68 -22.56
C LYS A 30 2.25 -19.63 -21.48
N ALA A 31 1.52 -19.10 -20.50
CA ALA A 31 0.93 -19.96 -19.48
C ALA A 31 -0.18 -20.83 -20.06
N LYS A 32 -0.94 -20.30 -21.02
CA LYS A 32 -1.98 -21.09 -21.65
C LYS A 32 -1.41 -22.25 -22.44
N ALA A 33 -0.29 -22.02 -23.14
CA ALA A 33 0.33 -23.09 -23.92
C ALA A 33 0.93 -24.16 -23.00
N GLU A 34 1.64 -23.72 -21.96
CA GLU A 34 2.26 -24.67 -21.03
C GLU A 34 1.25 -25.32 -20.08
N GLY A 35 -0.03 -24.98 -20.18
CA GLY A 35 -1.04 -25.57 -19.32
C GLY A 35 -0.95 -25.13 -17.88
N ILE A 36 -0.79 -23.83 -17.65
CA ILE A 36 -0.68 -23.26 -16.31
C ILE A 36 -1.92 -22.45 -16.03
N SER A 37 -2.61 -22.76 -14.93
CA SER A 37 -3.77 -21.99 -14.51
C SER A 37 -3.32 -20.76 -13.73
N THR A 38 -3.97 -19.63 -14.01
CA THR A 38 -3.63 -18.35 -13.42
C THR A 38 -4.79 -17.87 -12.54
N VAL A 39 -4.62 -16.66 -11.98
CA VAL A 39 -5.63 -16.08 -11.12
C VAL A 39 -6.93 -15.86 -11.89
N TRP A 40 -6.81 -15.44 -13.16
CA TRP A 40 -8.00 -15.22 -13.97
C TRP A 40 -8.78 -16.50 -14.19
N ASP A 41 -8.07 -17.63 -14.33
CA ASP A 41 -8.74 -18.91 -14.47
C ASP A 41 -9.50 -19.26 -13.20
N ARG A 42 -8.86 -19.11 -12.04
CA ARG A 42 -9.53 -19.39 -10.79
C ARG A 42 -10.61 -18.36 -10.47
N ALA A 43 -10.45 -17.14 -10.96
CA ALA A 43 -11.48 -16.12 -10.74
C ALA A 43 -12.74 -16.45 -11.53
N ALA A 44 -12.60 -17.02 -12.72
CA ALA A 44 -13.76 -17.37 -13.53
C ALA A 44 -14.55 -18.53 -12.91
N GLU A 45 -13.86 -19.41 -12.19
CA GLU A 45 -14.55 -20.54 -11.56
C GLU A 45 -15.35 -20.10 -10.33
N GLN A 46 -14.83 -19.12 -9.58
CA GLN A 46 -15.47 -18.71 -8.34
C GLN A 46 -16.47 -17.59 -8.61
N THR A 47 -17.04 -17.59 -9.82
CA THR A 47 -17.98 -16.53 -10.18
C THR A 47 -19.20 -16.47 -9.27
N PRO A 48 -19.82 -17.59 -8.83
CA PRO A 48 -20.92 -17.44 -7.88
C PRO A 48 -20.48 -16.83 -6.56
N ALA A 53 -22.91 -14.31 -0.63
CA ALA A 53 -22.10 -13.73 0.43
C ALA A 53 -21.55 -12.36 0.01
N GLU A 54 -21.85 -11.95 -1.21
CA GLU A 54 -21.42 -10.65 -1.69
C GLU A 54 -22.23 -9.51 -1.08
N LEU A 55 -23.46 -9.79 -0.63
CA LEU A 55 -24.27 -8.77 0.01
C LEU A 55 -23.84 -8.49 1.45
N GLY A 56 -22.99 -9.34 2.02
CA GLY A 56 -22.56 -9.16 3.40
C GLY A 56 -23.58 -9.51 4.45
N THR A 57 -24.67 -10.18 4.06
CA THR A 57 -25.75 -10.53 4.99
C THR A 57 -25.65 -11.98 5.45
N THR A 58 -24.44 -12.53 5.51
CA THR A 58 -24.20 -13.85 6.07
C THR A 58 -23.28 -13.71 7.27
N CYS A 59 -23.63 -14.36 8.36
CA CYS A 59 -22.87 -14.26 9.61
C CYS A 59 -22.43 -15.64 10.06
N ARG A 60 -21.18 -15.73 10.51
CA ARG A 60 -20.60 -16.98 10.98
C ARG A 60 -19.91 -16.81 12.32
N ASN A 61 -20.30 -15.79 13.10
CA ASN A 61 -19.58 -15.45 14.33
C ASN A 61 -19.85 -16.41 15.48
N CYS A 62 -20.81 -17.32 15.34
CA CYS A 62 -21.08 -18.31 16.36
C CYS A 62 -21.78 -19.49 15.72
N ILE A 63 -21.82 -20.60 16.45
CA ILE A 63 -22.41 -21.84 15.94
C ILE A 63 -23.88 -21.97 16.34
N MET A 64 -24.52 -20.88 16.77
CA MET A 64 -25.97 -20.87 16.68
C MET A 64 -26.40 -20.70 15.24
N GLY A 65 -25.57 -20.01 14.45
CA GLY A 65 -25.75 -19.95 13.02
C GLY A 65 -25.04 -21.11 12.35
N PRO A 66 -24.49 -20.89 11.14
CA PRO A 66 -24.45 -19.62 10.40
C PRO A 66 -25.81 -19.16 9.89
N CYS A 67 -26.05 -17.86 9.94
CA CYS A 67 -27.33 -17.28 9.57
C CYS A 67 -27.22 -16.50 8.28
N ARG A 68 -28.37 -16.30 7.64
CA ARG A 68 -28.46 -15.52 6.41
C ARG A 68 -29.70 -14.66 6.46
N ILE A 69 -29.56 -13.38 6.10
CA ILE A 69 -30.66 -12.43 6.11
C ILE A 69 -31.16 -12.26 4.68
N ALA A 70 -32.46 -12.43 4.49
CA ALA A 70 -33.06 -12.34 3.17
C ALA A 70 -34.39 -11.59 3.27
N ASN A 71 -34.91 -11.19 2.12
CA ASN A 71 -36.22 -10.55 2.02
C ASN A 71 -37.25 -11.50 1.45
N ARG A 72 -37.27 -12.72 1.97
CA ARG A 72 -38.16 -13.76 1.46
C ARG A 72 -39.62 -13.35 1.66
N LYS A 73 -40.46 -13.79 0.72
CA LYS A 73 -41.86 -13.38 0.72
C LYS A 73 -42.59 -13.84 1.98
N ASP A 74 -42.16 -14.98 2.56
CA ASP A 74 -42.77 -15.45 3.80
C ASP A 74 -42.44 -14.56 4.99
N GLY A 75 -41.48 -13.65 4.85
CA GLY A 75 -41.04 -12.83 5.97
C GLY A 75 -40.04 -13.50 6.88
N LYS A 76 -39.66 -14.74 6.60
CA LYS A 76 -38.72 -15.46 7.45
C LYS A 76 -37.28 -15.07 7.11
N MET A 77 -36.37 -15.52 7.96
CA MET A 77 -34.93 -15.24 7.83
C MET A 77 -34.64 -13.75 7.79
N ARG A 78 -35.48 -12.95 8.44
CA ARG A 78 -35.22 -11.52 8.57
C ARG A 78 -34.22 -11.21 9.67
N LEU A 79 -34.07 -12.09 10.66
CA LEU A 79 -33.13 -11.91 11.76
C LEU A 79 -32.31 -13.17 11.92
N GLY A 80 -31.14 -13.03 12.52
CA GLY A 80 -30.32 -14.17 12.89
C GLY A 80 -30.91 -14.89 14.09
N VAL A 81 -30.25 -15.99 14.47
CA VAL A 81 -30.72 -16.77 15.61
C VAL A 81 -30.68 -15.93 16.89
N CYS A 82 -29.65 -15.09 17.04
CA CYS A 82 -29.56 -14.21 18.18
C CYS A 82 -30.49 -13.00 18.07
N GLY A 83 -31.07 -12.76 16.91
CA GLY A 83 -31.92 -11.61 16.70
C GLY A 83 -31.27 -10.44 16.00
N ALA A 84 -30.06 -10.61 15.48
CA ALA A 84 -29.39 -9.53 14.77
C ALA A 84 -30.05 -9.32 13.40
N ASP A 85 -30.21 -8.05 13.02
CA ASP A 85 -30.82 -7.70 11.75
C ASP A 85 -29.74 -7.53 10.68
N ALA A 86 -30.14 -7.08 9.49
CA ALA A 86 -29.20 -6.95 8.39
C ALA A 86 -28.20 -5.82 8.63
N ASP A 87 -28.61 -4.77 9.35
CA ASP A 87 -27.71 -3.66 9.63
C ASP A 87 -26.52 -4.12 10.48
N VAL A 88 -26.80 -4.87 11.55
CA VAL A 88 -25.74 -5.29 12.45
C VAL A 88 -24.82 -6.30 11.78
N ILE A 89 -25.39 -7.26 11.05
CA ILE A 89 -24.58 -8.31 10.43
C ILE A 89 -23.64 -7.70 9.39
N VAL A 90 -24.15 -6.79 8.56
CA VAL A 90 -23.31 -6.15 7.56
C VAL A 90 -22.24 -5.29 8.23
N ALA A 91 -22.61 -4.56 9.28
CA ALA A 91 -21.64 -3.72 9.98
C ALA A 91 -20.56 -4.55 10.65
N ARG A 92 -20.92 -5.69 11.23
CA ARG A 92 -19.94 -6.52 11.91
C ARG A 92 -18.98 -7.18 10.93
N ASN A 93 -19.49 -7.63 9.78
CA ASN A 93 -18.62 -8.19 8.75
C ASN A 93 -17.69 -7.12 8.19
N PHE A 94 -18.18 -5.89 8.06
CA PHE A 94 -17.36 -4.80 7.55
C PHE A 94 -16.30 -4.38 8.54
N GLY A 95 -16.64 -4.37 9.83
CA GLY A 95 -15.65 -4.04 10.85
C GLY A 95 -14.52 -5.04 10.92
N ARG A 96 -14.85 -6.34 10.83
CA ARG A 96 -13.81 -7.36 10.78
C ARG A 96 -12.99 -7.28 9.50
N PHE A 97 -13.61 -6.80 8.42
CA PHE A 97 -12.88 -6.57 7.18
C PHE A 97 -11.83 -5.47 7.38
N ILE A 98 -12.24 -4.37 8.01
CA ILE A 98 -11.31 -3.28 8.27
C ILE A 98 -10.23 -3.69 9.26
N ALA A 99 -10.60 -4.48 10.27
CA ALA A 99 -9.63 -4.89 11.27
C ALA A 99 -8.52 -5.75 10.67
N GLY A 100 -8.88 -6.64 9.73
CA GLY A 100 -7.87 -7.45 9.07
C GLY A 100 -6.88 -6.61 8.29
N GLY A 101 -7.36 -5.53 7.68
CA GLY A 101 -6.46 -4.64 6.96
C GLY A 101 -5.57 -3.84 7.89
N ALA A 102 -6.12 -3.38 9.01
CA ALA A 102 -5.32 -2.67 10.00
C ALA A 102 -4.29 -3.59 10.63
N ALA A 103 -4.61 -4.87 10.80
CA ALA A 103 -3.68 -5.80 11.41
C ALA A 103 -2.47 -6.06 10.53
N GLY A 104 -2.63 -5.96 9.22
CA GLY A 104 -1.48 -6.11 8.34
C GLY A 104 -0.46 -5.00 8.52
N HIS A 105 -0.95 -3.75 8.53
CA HIS A 105 -0.05 -2.62 8.75
C HIS A 105 0.46 -2.58 10.19
N SER A 106 -0.28 -3.18 11.12
CA SER A 106 0.14 -3.18 12.52
C SER A 106 1.41 -4.01 12.70
N ASP A 107 1.41 -5.25 12.19
CA ASP A 107 2.60 -6.08 12.30
C ASP A 107 3.75 -5.54 11.46
N HIS A 108 3.46 -4.85 10.36
CA HIS A 108 4.52 -4.24 9.56
C HIS A 108 5.27 -3.19 10.38
N GLY A 109 4.54 -2.28 11.02
CA GLY A 109 5.19 -1.29 11.87
C GLY A 109 5.86 -1.92 13.08
N ARG A 110 5.28 -2.98 13.63
CA ARG A 110 5.86 -3.62 14.80
C ARG A 110 7.20 -4.27 14.48
N ASP A 111 7.32 -4.88 13.30
CA ASP A 111 8.60 -5.48 12.91
C ASP A 111 9.67 -4.42 12.70
N LEU A 112 9.28 -3.22 12.26
CA LEU A 112 10.26 -2.15 12.11
C LEU A 112 10.66 -1.55 13.46
N ILE A 113 9.73 -1.52 14.42
CA ILE A 113 10.09 -1.11 15.77
C ILE A 113 11.11 -2.07 16.37
N GLU A 114 10.87 -3.38 16.20
CA GLU A 114 11.80 -4.36 16.73
C GLU A 114 13.15 -4.30 16.05
N THR A 115 13.20 -3.85 14.79
CA THR A 115 14.47 -3.74 14.10
C THR A 115 15.28 -2.54 14.59
N LEU A 116 14.61 -1.41 14.83
CA LEU A 116 15.31 -0.24 15.36
C LEU A 116 15.84 -0.50 16.76
N GLU A 117 15.03 -1.17 17.60
CA GLU A 117 15.50 -1.53 18.94
C GLU A 117 16.72 -2.44 18.87
N ALA A 118 16.74 -3.38 17.91
CA ALA A 118 17.90 -4.24 17.75
C ALA A 118 19.13 -3.45 17.27
N VAL A 119 18.91 -2.38 16.51
CA VAL A 119 20.03 -1.54 16.09
C VAL A 119 20.55 -0.72 17.26
N ALA A 120 19.63 -0.18 18.08
CA ALA A 120 20.05 0.62 19.22
C ALA A 120 20.81 -0.21 20.25
N GLU A 121 20.50 -1.50 20.35
CA GLU A 121 21.19 -2.40 21.26
C GLU A 121 22.41 -3.06 20.62
N GLY A 122 22.72 -2.75 19.38
CA GLY A 122 23.89 -3.33 18.73
C GLY A 122 23.76 -4.82 18.51
N LYS A 123 22.56 -5.30 18.17
CA LYS A 123 22.31 -6.72 18.00
C LYS A 123 21.71 -7.03 16.62
N ALA A 124 22.05 -6.22 15.62
CA ALA A 124 21.54 -6.40 14.27
C ALA A 124 22.67 -6.17 13.28
N PRO A 125 23.49 -7.20 13.03
CA PRO A 125 24.63 -7.04 12.11
C PRO A 125 24.15 -6.73 10.70
N GLY A 126 24.65 -5.61 10.16
CA GLY A 126 24.28 -5.15 8.84
C GLY A 126 23.28 -4.01 8.83
N TYR A 127 22.61 -3.76 9.95
CA TYR A 127 21.66 -2.66 10.06
C TYR A 127 22.30 -1.50 10.81
N THR A 128 22.01 -0.29 10.34
CA THR A 128 22.48 0.93 10.99
C THR A 128 21.33 1.93 11.03
N ILE A 129 21.63 3.13 11.54
CA ILE A 129 20.72 4.26 11.48
C ILE A 129 21.14 5.08 10.28
N ARG A 130 20.44 4.91 9.15
CA ARG A 130 20.87 5.53 7.90
C ARG A 130 20.62 7.02 7.90
N ASP A 131 19.51 7.46 8.50
CA ASP A 131 19.12 8.87 8.53
C ASP A 131 19.09 9.31 9.99
N VAL A 132 20.24 9.74 10.52
CA VAL A 132 20.30 10.21 11.89
C VAL A 132 19.54 11.52 12.04
N ALA A 133 19.53 12.36 11.00
CA ALA A 133 18.82 13.63 11.08
C ALA A 133 17.32 13.41 11.24
N LYS A 134 16.76 12.45 10.50
CA LYS A 134 15.33 12.18 10.64
C LYS A 134 15.01 11.50 11.96
N LEU A 135 15.94 10.69 12.49
CA LEU A 135 15.74 10.11 13.80
C LEU A 135 15.52 11.17 14.87
N ARG A 136 16.32 12.24 14.84
CA ARG A 136 16.21 13.28 15.85
C ARG A 136 14.93 14.09 15.67
N ARG A 137 14.56 14.39 14.43
CA ARG A 137 13.35 15.19 14.18
C ARG A 137 12.10 14.43 14.58
N ILE A 138 12.02 13.15 14.22
CA ILE A 138 10.84 12.35 14.59
C ILE A 138 10.77 12.16 16.09
N ALA A 139 11.91 11.87 16.73
CA ALA A 139 11.91 11.65 18.17
C ALA A 139 11.52 12.91 18.93
N ALA A 140 12.06 14.06 18.54
CA ALA A 140 11.69 15.32 19.18
C ALA A 140 10.22 15.65 18.97
N GLU A 141 9.67 15.26 17.81
CA GLU A 141 8.27 15.52 17.53
C GLU A 141 7.36 14.69 18.45
N LEU A 142 7.77 13.46 18.74
CA LEU A 142 6.94 12.55 19.53
C LEU A 142 7.17 12.69 21.04
N GLY A 143 8.13 13.51 21.46
CA GLY A 143 8.30 13.82 22.86
C GLY A 143 9.58 13.35 23.52
N VAL A 144 10.58 12.94 22.75
CA VAL A 144 11.86 12.54 23.34
C VAL A 144 12.61 13.77 23.80
N ALA A 145 13.05 13.77 25.05
CA ALA A 145 13.74 14.91 25.64
C ALA A 145 15.16 15.03 25.09
N ASP A 146 15.53 16.25 24.71
CA ASP A 146 16.87 16.55 24.19
C ASP A 146 17.22 15.64 23.01
N ALA A 147 16.24 15.40 22.14
CA ALA A 147 16.45 14.48 21.03
C ALA A 147 17.44 15.00 20.01
N ALA A 148 17.69 16.31 19.97
CA ALA A 148 18.57 16.87 18.94
C ALA A 148 20.05 16.82 19.33
N THR A 149 20.36 16.66 20.61
CA THR A 149 21.74 16.75 21.07
C THR A 149 22.26 15.51 21.79
N ARG A 150 21.40 14.55 22.10
CA ARG A 150 21.83 13.34 22.79
C ARG A 150 22.41 12.32 21.81
N PRO A 151 23.17 11.34 22.30
CA PRO A 151 23.68 10.29 21.41
C PRO A 151 22.54 9.55 20.72
N ALA A 152 22.83 9.12 19.48
CA ALA A 152 21.76 8.64 18.59
C ALA A 152 21.11 7.37 19.12
N HIS A 153 21.92 6.39 19.54
CA HIS A 153 21.36 5.12 20.00
C HIS A 153 20.53 5.30 21.27
N ASP A 154 20.87 6.29 22.10
CA ASP A 154 20.01 6.62 23.23
C ASP A 154 18.70 7.24 22.76
N VAL A 155 18.78 8.13 21.77
CA VAL A 155 17.57 8.72 21.19
C VAL A 155 16.74 7.64 20.50
N ALA A 156 17.40 6.70 19.82
CA ALA A 156 16.69 5.62 19.16
C ALA A 156 15.92 4.76 20.18
N ALA A 157 16.51 4.54 21.35
CA ALA A 157 15.87 3.72 22.36
C ALA A 157 14.63 4.41 22.94
N ASP A 158 14.70 5.73 23.15
CA ASP A 158 13.54 6.45 23.65
C ASP A 158 12.42 6.48 22.62
N LEU A 159 12.76 6.63 21.34
CA LEU A 159 11.75 6.60 20.30
C LEU A 159 11.08 5.24 20.22
N VAL A 160 11.86 4.17 20.40
CA VAL A 160 11.31 2.82 20.41
C VAL A 160 10.32 2.65 21.56
N THR A 161 10.64 3.24 22.73
CA THR A 161 9.72 3.17 23.86
C THR A 161 8.39 3.86 23.55
N ILE A 162 8.45 5.03 22.92
CA ILE A 162 7.24 5.75 22.56
C ILE A 162 6.42 4.95 21.56
N CYS A 163 7.11 4.34 20.58
CA CYS A 163 6.40 3.54 19.57
C CYS A 163 5.77 2.30 20.18
N TYR A 164 6.51 1.61 21.07
CA TYR A 164 5.95 0.44 21.74
C TYR A 164 4.74 0.82 22.59
N ASN A 165 4.77 2.00 23.21
CA ASN A 165 3.62 2.42 24.02
C ASN A 165 2.39 2.68 23.16
N ASP A 166 2.59 3.04 21.89
CA ASP A 166 1.45 3.17 20.99
C ASP A 166 0.88 1.80 20.59
N PHE A 167 1.68 0.75 20.69
CA PHE A 167 1.18 -0.62 20.64
C PHE A 167 0.76 -1.13 22.01
N GLY A 168 0.55 -0.23 22.97
CA GLY A 168 0.10 -0.56 24.29
C GLY A 168 -1.35 -0.17 24.53
N SER A 169 -1.71 -0.08 25.81
CA SER A 169 -3.11 0.15 26.18
C SER A 169 -3.26 1.25 27.23
N ARG A 170 -2.31 2.18 27.34
CA ARG A 170 -2.37 3.22 28.34
C ARG A 170 -2.53 4.63 27.79
N ARG A 171 -2.29 4.85 26.49
CA ARG A 171 -2.35 6.19 25.93
C ARG A 171 -3.78 6.62 25.66
N ASN A 172 -4.01 7.93 25.68
CA ASN A 172 -5.29 8.48 25.25
C ASN A 172 -5.34 8.68 23.74
N ALA A 173 -4.20 8.83 23.09
CA ALA A 173 -4.14 9.03 21.65
C ALA A 173 -2.74 8.68 21.16
N LEU A 174 -2.67 8.24 19.91
CA LEU A 174 -1.37 7.90 19.33
C LEU A 174 -0.48 9.12 19.22
N ALA A 175 0.83 8.86 19.14
CA ALA A 175 1.80 9.95 19.16
C ALA A 175 1.72 10.79 17.88
N PHE A 176 1.67 10.14 16.72
CA PHE A 176 1.64 10.87 15.46
C PHE A 176 0.31 11.58 15.21
N LEU A 177 -0.68 11.39 16.08
CA LEU A 177 -1.97 12.07 15.93
C LEU A 177 -1.82 13.58 16.08
N ALA A 178 -0.74 14.05 16.69
CA ALA A 178 -0.51 15.49 16.85
C ALA A 178 -0.30 16.19 15.51
N ARG A 179 0.02 15.46 14.45
CA ARG A 179 0.21 16.08 13.14
C ARG A 179 -1.11 16.60 12.57
N ALA A 180 -2.22 15.96 12.91
CA ALA A 180 -3.52 16.38 12.40
C ALA A 180 -3.86 17.77 12.92
N PRO A 181 -4.66 18.54 12.17
CA PRO A 181 -5.09 19.85 12.66
C PRO A 181 -5.88 19.73 13.95
N GLN A 182 -5.89 20.82 14.72
CA GLN A 182 -6.57 20.82 16.01
C GLN A 182 -8.06 20.58 15.86
N VAL A 183 -8.68 21.20 14.86
CA VAL A 183 -10.12 21.00 14.64
C VAL A 183 -10.42 19.56 14.27
N ARG A 184 -9.49 18.90 13.56
CA ARG A 184 -9.70 17.50 13.20
C ARG A 184 -9.56 16.59 14.42
N ARG A 185 -8.58 16.87 15.28
CA ARG A 185 -8.44 16.10 16.52
C ARG A 185 -9.64 16.32 17.45
N ASP A 186 -10.10 17.57 17.56
CA ASP A 186 -11.27 17.85 18.39
C ASP A 186 -12.52 17.20 17.84
N LEU A 187 -12.58 17.00 16.52
CA LEU A 187 -13.71 16.28 15.93
C LEU A 187 -13.67 14.80 16.27
N TRP A 188 -12.49 14.18 16.18
CA TRP A 188 -12.35 12.76 16.52
C TRP A 188 -12.71 12.51 17.98
N GLN A 189 -12.26 13.39 18.87
CA GLN A 189 -12.48 13.19 20.30
C GLN A 189 -13.97 13.23 20.64
N ARG A 190 -14.70 14.18 20.05
CA ARG A 190 -16.14 14.26 20.31
C ARG A 190 -16.88 13.05 19.75
N LEU A 191 -16.39 12.46 18.65
CA LEU A 191 -17.06 11.34 18.02
C LEU A 191 -16.74 10.00 18.66
N GLY A 192 -15.82 9.95 19.61
CA GLY A 192 -15.34 8.66 20.08
C GLY A 192 -14.51 7.93 19.05
N MET A 193 -13.76 8.67 18.23
CA MET A 193 -13.06 8.11 17.09
C MET A 193 -11.54 8.20 17.23
N THR A 194 -11.04 8.82 18.29
CA THR A 194 -9.61 9.00 18.47
C THR A 194 -8.92 7.66 18.66
N PRO A 195 -7.93 7.31 17.84
CA PRO A 195 -7.23 6.04 18.02
C PRO A 195 -6.31 6.09 19.24
N ARG A 196 -6.42 5.07 20.10
CA ARG A 196 -5.71 5.02 21.36
C ARG A 196 -4.53 4.05 21.35
N GLY A 197 -4.66 2.93 20.66
CA GLY A 197 -3.58 1.96 20.57
C GLY A 197 -3.71 1.10 19.33
N VAL A 198 -2.60 0.85 18.65
CA VAL A 198 -2.64 0.16 17.36
C VAL A 198 -3.25 -1.24 17.51
N ASP A 199 -2.73 -2.01 18.48
CA ASP A 199 -3.28 -3.35 18.72
C ASP A 199 -4.59 -3.30 19.49
N ARG A 200 -4.83 -2.24 20.28
CA ARG A 200 -6.02 -2.21 21.12
C ARG A 200 -7.29 -2.06 20.29
N GLU A 201 -7.27 -1.20 19.27
CA GLU A 201 -8.48 -0.99 18.48
C GLU A 201 -8.82 -2.21 17.63
N ILE A 202 -7.81 -3.00 17.25
CA ILE A 202 -8.08 -4.26 16.56
C ILE A 202 -8.77 -5.25 17.48
N ALA A 203 -8.31 -5.32 18.73
CA ALA A 203 -8.90 -6.26 19.68
C ALA A 203 -10.31 -5.86 20.08
N GLU A 204 -10.57 -4.55 20.20
CA GLU A 204 -11.91 -4.11 20.54
C GLU A 204 -12.88 -4.30 19.38
N MET A 205 -12.37 -4.28 18.14
CA MET A 205 -13.23 -4.57 16.99
C MET A 205 -13.69 -6.01 17.01
N MET A 206 -12.78 -6.95 17.31
CA MET A 206 -13.16 -8.34 17.39
C MET A 206 -14.08 -8.59 18.59
N HIS A 207 -13.90 -7.83 19.66
CA HIS A 207 -14.81 -7.93 20.80
C HIS A 207 -16.20 -7.42 20.44
N ARG A 208 -16.26 -6.26 19.76
CA ARG A 208 -17.54 -5.67 19.41
C ARG A 208 -18.36 -6.59 18.50
N THR A 209 -17.70 -7.25 17.56
CA THR A 209 -18.39 -8.09 16.60
C THR A 209 -18.70 -9.49 17.12
N HIS A 210 -18.43 -9.76 18.40
CA HIS A 210 -18.89 -11.00 19.01
C HIS A 210 -20.39 -10.94 19.23
N MET A 211 -21.01 -12.11 19.32
CA MET A 211 -22.46 -12.19 19.55
C MET A 211 -22.82 -11.46 20.83
N GLY A 212 -23.85 -10.62 20.75
CA GLY A 212 -24.38 -9.97 21.93
C GLY A 212 -23.49 -8.90 22.52
N CYS A 213 -22.66 -8.25 21.69
CA CYS A 213 -21.83 -7.15 22.18
C CYS A 213 -22.33 -5.88 21.51
N ASP A 214 -21.70 -5.40 20.44
CA ASP A 214 -22.13 -4.19 19.77
C ASP A 214 -23.17 -4.56 18.71
N ASN A 215 -24.41 -4.14 18.93
CA ASN A 215 -25.52 -4.42 18.01
C ASN A 215 -26.17 -3.13 17.53
N ASP A 216 -25.33 -2.15 17.19
CA ASP A 216 -25.79 -0.89 16.63
C ASP A 216 -24.87 -0.53 15.47
N HIS A 217 -25.44 -0.41 14.27
CA HIS A 217 -24.62 -0.22 13.08
C HIS A 217 -23.87 1.10 13.07
N THR A 218 -24.37 2.11 13.79
CA THR A 218 -23.68 3.40 13.82
C THR A 218 -22.40 3.32 14.64
N SER A 219 -22.48 2.81 15.87
CA SER A 219 -21.29 2.73 16.71
C SER A 219 -20.28 1.72 16.16
N LEU A 220 -20.76 0.65 15.52
CA LEU A 220 -19.84 -0.30 14.89
C LEU A 220 -19.05 0.38 13.78
N LEU A 221 -19.69 1.24 12.98
CA LEU A 221 -18.98 1.94 11.92
C LEU A 221 -18.05 3.02 12.48
N VAL A 222 -18.43 3.65 13.59
CA VAL A 222 -17.56 4.65 14.20
C VAL A 222 -16.28 3.99 14.70
N HIS A 223 -16.38 2.79 15.28
CA HIS A 223 -15.18 2.09 15.71
C HIS A 223 -14.37 1.59 14.52
N ALA A 224 -15.02 1.29 13.41
CA ALA A 224 -14.28 0.90 12.20
C ALA A 224 -13.39 2.05 11.72
N ALA A 225 -13.88 3.28 11.78
CA ALA A 225 -13.05 4.43 11.45
C ALA A 225 -11.93 4.60 12.46
N ARG A 226 -12.23 4.42 13.75
CA ARG A 226 -11.21 4.52 14.79
C ARG A 226 -10.13 3.46 14.60
N THR A 227 -10.53 2.25 14.20
CA THR A 227 -9.54 1.20 13.95
C THR A 227 -8.65 1.54 12.77
N ALA A 228 -9.22 2.08 11.69
CA ALA A 228 -8.41 2.45 10.53
C ALA A 228 -7.55 3.67 10.82
N LEU A 229 -8.03 4.60 11.66
CA LEU A 229 -7.18 5.71 12.06
C LEU A 229 -5.96 5.23 12.83
N ALA A 230 -6.12 4.17 13.63
CA ALA A 230 -4.96 3.56 14.29
C ALA A 230 -4.00 2.95 13.29
N ASP A 231 -4.46 2.65 12.07
CA ASP A 231 -3.58 2.22 11.00
C ASP A 231 -2.84 3.40 10.38
N GLY A 232 -3.58 4.37 9.85
CA GLY A 232 -2.94 5.45 9.10
C GLY A 232 -2.08 6.33 9.96
N TRP A 233 -2.60 6.80 11.08
CA TRP A 233 -1.85 7.65 12.00
C TRP A 233 -1.06 6.86 13.03
N GLY A 234 -1.08 5.53 12.96
CA GLY A 234 -0.35 4.71 13.89
C GLY A 234 0.57 3.70 13.23
N GLY A 235 0.02 2.53 12.89
CA GLY A 235 0.85 1.46 12.36
C GLY A 235 1.56 1.83 11.06
N SER A 236 0.82 2.39 10.11
CA SER A 236 1.42 2.74 8.82
C SER A 236 2.44 3.87 8.98
N MET A 237 2.10 4.89 9.76
CA MET A 237 3.00 6.04 9.90
C MET A 237 4.28 5.65 10.65
N ILE A 238 4.14 4.80 11.67
CA ILE A 238 5.33 4.29 12.37
C ILE A 238 6.20 3.49 11.40
N GLY A 239 5.58 2.65 10.57
CA GLY A 239 6.34 1.85 9.62
C GLY A 239 7.02 2.69 8.56
N THR A 240 6.37 3.77 8.13
CA THR A 240 6.98 4.63 7.11
C THR A 240 8.18 5.38 7.66
N GLU A 241 8.03 5.97 8.85
CA GLU A 241 9.07 6.84 9.38
C GLU A 241 10.27 6.06 9.90
N LEU A 242 10.05 4.85 10.42
CA LEU A 242 11.18 4.05 10.87
C LEU A 242 11.94 3.45 9.70
N SER A 243 11.28 3.20 8.57
CA SER A 243 11.97 2.72 7.39
C SER A 243 12.96 3.76 6.86
N ASP A 244 12.59 5.04 6.93
CA ASP A 244 13.51 6.09 6.51
C ASP A 244 14.68 6.21 7.49
N ILE A 245 14.42 6.00 8.78
CA ILE A 245 15.49 6.08 9.77
C ILE A 245 16.49 4.94 9.58
N LEU A 246 16.00 3.75 9.22
CA LEU A 246 16.85 2.58 9.11
C LEU A 246 17.45 2.39 7.72
N PHE A 247 16.79 2.88 6.67
CA PHE A 247 17.26 2.64 5.31
C PHE A 247 17.41 3.91 4.48
N GLY A 248 17.25 5.09 5.07
CA GLY A 248 17.42 6.32 4.33
C GLY A 248 16.11 6.91 3.83
N THR A 249 15.99 8.23 3.86
CA THR A 249 14.81 8.89 3.31
C THR A 249 14.91 8.91 1.78
N PRO A 250 13.87 8.49 1.07
CA PRO A 250 13.95 8.42 -0.39
C PRO A 250 14.08 9.81 -1.03
N ARG A 251 14.87 9.88 -2.08
CA ARG A 251 15.08 11.06 -2.90
C ARG A 251 14.75 10.74 -4.35
N PRO A 252 14.43 11.75 -5.16
CA PRO A 252 14.09 11.49 -6.56
C PRO A 252 15.22 10.79 -7.31
N ARG A 253 14.87 9.74 -8.04
CA ARG A 253 15.85 8.98 -8.81
C ARG A 253 15.13 8.21 -9.91
N GLN A 254 15.90 7.84 -10.94
CA GLN A 254 15.37 7.18 -12.12
C GLN A 254 15.54 5.67 -12.01
N SER A 255 14.57 4.95 -12.59
CA SER A 255 14.66 3.48 -12.63
C SER A 255 13.79 2.99 -13.78
N THR A 256 13.29 1.76 -13.68
CA THR A 256 12.53 1.16 -14.77
C THR A 256 11.62 0.07 -14.23
N VAL A 257 10.62 -0.30 -15.04
CA VAL A 257 9.57 -1.24 -14.64
C VAL A 257 9.26 -2.19 -15.78
N ASN A 258 8.25 -3.04 -15.55
CA ASN A 258 7.73 -4.12 -16.39
C ASN A 258 8.66 -5.33 -16.38
N LEU A 259 8.19 -6.46 -16.94
CA LEU A 259 8.92 -7.72 -16.84
C LEU A 259 10.26 -7.70 -17.56
N GLY A 260 10.45 -6.77 -18.50
CA GLY A 260 11.70 -6.69 -19.22
C GLY A 260 12.92 -6.40 -18.35
N VAL A 261 12.71 -6.06 -17.07
CA VAL A 261 13.84 -5.83 -16.17
C VAL A 261 14.53 -7.12 -15.77
N LEU A 262 13.95 -8.27 -16.09
CA LEU A 262 14.61 -9.54 -15.89
C LEU A 262 15.65 -9.77 -16.99
N ARG A 263 16.76 -10.41 -16.62
CA ARG A 263 17.88 -10.64 -17.51
C ARG A 263 18.10 -12.13 -17.70
N LYS A 264 18.10 -12.57 -18.96
CA LYS A 264 18.43 -13.96 -19.26
C LYS A 264 19.90 -14.29 -18.96
N ASP A 265 20.76 -13.27 -18.96
CA ASP A 265 22.19 -13.46 -18.74
C ASP A 265 22.60 -13.29 -17.29
N ALA A 266 21.65 -13.11 -16.38
CA ALA A 266 21.96 -12.85 -14.98
C ALA A 266 21.04 -13.67 -14.09
N VAL A 267 21.44 -13.82 -12.83
CA VAL A 267 20.58 -14.44 -11.83
C VAL A 267 19.49 -13.45 -11.44
N ASN A 268 18.24 -13.88 -11.54
CA ASN A 268 17.09 -13.03 -11.27
C ASN A 268 16.51 -13.40 -9.91
N ILE A 269 16.59 -12.48 -8.96
CA ILE A 269 16.02 -12.64 -7.62
C ILE A 269 14.82 -11.71 -7.52
N LEU A 270 13.63 -12.28 -7.38
CA LEU A 270 12.39 -11.53 -7.26
C LEU A 270 12.01 -11.45 -5.79
N VAL A 271 12.07 -10.25 -5.21
CA VAL A 271 11.64 -10.03 -3.83
C VAL A 271 10.15 -9.71 -3.83
N HIS A 272 9.40 -10.41 -2.99
CA HIS A 272 7.96 -10.29 -2.92
C HIS A 272 7.55 -10.03 -1.48
N GLY A 273 6.46 -9.28 -1.31
CA GLY A 273 5.94 -9.00 0.02
C GLY A 273 5.94 -7.50 0.30
N HIS A 274 6.25 -7.15 1.56
CA HIS A 274 6.07 -5.79 2.02
C HIS A 274 7.23 -5.27 2.86
N ASN A 275 7.76 -6.09 3.75
CA ASN A 275 8.72 -5.60 4.73
C ASN A 275 10.08 -5.34 4.10
N PRO A 276 10.59 -4.11 4.13
CA PRO A 276 11.94 -3.86 3.60
C PRO A 276 13.07 -4.37 4.49
N VAL A 277 12.77 -4.81 5.71
CA VAL A 277 13.80 -5.36 6.59
C VAL A 277 14.46 -6.57 5.96
N VAL A 278 13.71 -7.31 5.13
CA VAL A 278 14.25 -8.51 4.49
C VAL A 278 14.86 -8.18 3.13
N SER A 279 14.15 -7.40 2.31
CA SER A 279 14.60 -7.15 0.94
C SER A 279 15.86 -6.30 0.89
N GLU A 280 16.03 -5.39 1.86
CA GLU A 280 17.26 -4.58 1.88
C GLU A 280 18.49 -5.42 2.16
N MET A 281 18.37 -6.46 2.98
CA MET A 281 19.51 -7.33 3.25
C MET A 281 19.74 -8.34 2.15
N ILE A 282 18.69 -8.70 1.41
CA ILE A 282 18.87 -9.50 0.20
C ILE A 282 19.70 -8.73 -0.83
N LEU A 283 19.36 -7.45 -1.02
CA LEU A 283 20.11 -6.61 -1.96
C LEU A 283 21.56 -6.45 -1.52
N ALA A 284 21.78 -6.27 -0.22
CA ALA A 284 23.15 -6.12 0.28
C ALA A 284 23.94 -7.41 0.10
N ALA A 285 23.28 -8.56 0.13
CA ALA A 285 23.99 -9.83 -0.03
C ALA A 285 24.40 -10.05 -1.48
N THR A 286 23.57 -9.59 -2.43
CA THR A 286 23.90 -9.72 -3.84
C THR A 286 25.05 -8.84 -4.28
N ARG A 287 25.47 -7.89 -3.45
CA ARG A 287 26.58 -7.00 -3.75
C ARG A 287 27.87 -7.40 -3.06
N GLU A 288 27.87 -8.48 -2.29
CA GLU A 288 29.09 -8.94 -1.66
C GLU A 288 30.03 -9.52 -2.71
N PRO A 289 31.35 -9.30 -2.58
CA PRO A 289 32.27 -9.77 -3.63
C PRO A 289 32.32 -11.29 -3.76
N ALA A 290 32.33 -12.01 -2.64
CA ALA A 290 32.38 -13.47 -2.71
C ALA A 290 31.10 -14.03 -3.32
N VAL A 291 29.95 -13.40 -3.04
CA VAL A 291 28.69 -13.84 -3.64
C VAL A 291 28.65 -13.48 -5.12
N ARG A 292 29.15 -12.29 -5.48
CA ARG A 292 29.21 -11.92 -6.89
C ARG A 292 30.14 -12.85 -7.66
N GLN A 293 31.24 -13.27 -7.05
CA GLN A 293 32.15 -14.21 -7.70
C GLN A 293 31.47 -15.55 -7.94
N ALA A 294 30.65 -16.01 -6.98
CA ALA A 294 29.97 -17.28 -7.12
C ALA A 294 28.95 -17.25 -8.25
N ALA A 295 28.31 -16.11 -8.48
CA ALA A 295 27.38 -15.99 -9.60
C ALA A 295 28.12 -16.10 -10.93
N GLN A 296 29.34 -15.57 -11.00
CA GLN A 296 30.14 -15.70 -12.21
C GLN A 296 30.56 -17.14 -12.45
N ASP A 297 30.88 -17.87 -11.38
CA ASP A 297 31.24 -19.28 -11.52
C ASP A 297 30.09 -20.09 -12.09
N ALA A 298 28.85 -19.72 -11.77
CA ALA A 298 27.69 -20.39 -12.36
C ALA A 298 27.44 -19.94 -13.80
N GLY A 299 28.19 -18.98 -14.31
CA GLY A 299 28.01 -18.51 -15.67
C GLY A 299 27.07 -17.34 -15.83
N ALA A 300 26.83 -16.57 -14.78
CA ALA A 300 25.94 -15.43 -14.83
C ALA A 300 26.75 -14.14 -14.96
N ALA A 301 26.25 -13.21 -15.77
CA ALA A 301 26.94 -11.94 -15.96
C ALA A 301 26.82 -11.06 -14.72
N ASP A 302 25.75 -11.22 -13.94
CA ASP A 302 25.52 -10.41 -12.75
C ASP A 302 24.40 -11.07 -11.94
N ILE A 303 24.06 -10.43 -10.83
CA ILE A 303 22.92 -10.82 -10.01
C ILE A 303 21.88 -9.72 -10.13
N ASN A 304 20.73 -10.04 -10.70
CA ASN A 304 19.69 -9.07 -10.99
C ASN A 304 18.58 -9.19 -9.95
N VAL A 305 18.43 -8.17 -9.12
CA VAL A 305 17.37 -8.10 -8.12
C VAL A 305 16.24 -7.25 -8.68
N ALA A 306 15.02 -7.79 -8.67
CA ALA A 306 13.85 -7.07 -9.14
C ALA A 306 12.76 -7.15 -8.07
N GLY A 307 11.96 -6.09 -7.99
CA GLY A 307 10.96 -5.95 -6.95
C GLY A 307 9.56 -6.32 -7.40
N LEU A 308 8.77 -6.83 -6.46
CA LEU A 308 7.37 -7.15 -6.68
C LEU A 308 6.54 -6.55 -5.56
N CYS A 309 5.45 -5.89 -5.94
CA CYS A 309 4.44 -5.35 -5.01
C CYS A 309 5.11 -4.29 -4.12
N CYS A 310 4.79 -4.27 -2.82
CA CYS A 310 5.20 -3.14 -1.98
C CYS A 310 6.67 -3.21 -1.58
N THR A 311 7.20 -4.42 -1.37
CA THR A 311 8.63 -4.53 -1.07
C THR A 311 9.46 -4.11 -2.27
N GLY A 312 8.91 -4.15 -3.47
CA GLY A 312 9.56 -3.60 -4.64
C GLY A 312 9.48 -2.09 -4.65
N ASN A 313 8.34 -1.53 -4.21
CA ASN A 313 8.23 -0.10 -4.05
C ASN A 313 9.24 0.43 -3.03
N GLU A 314 9.49 -0.34 -1.96
CA GLU A 314 10.46 0.06 -0.96
C GLU A 314 11.86 0.19 -1.58
N LEU A 315 12.30 -0.85 -2.28
CA LEU A 315 13.61 -0.81 -2.94
C LEU A 315 13.63 0.18 -4.11
N LEU A 316 12.48 0.46 -4.71
CA LEU A 316 12.43 1.43 -5.79
C LEU A 316 12.60 2.85 -5.26
N MET A 317 12.00 3.15 -4.10
CA MET A 317 12.08 4.49 -3.55
C MET A 317 13.47 4.81 -3.02
N ARG A 318 14.13 3.84 -2.38
CA ARG A 318 15.38 4.10 -1.67
C ARG A 318 16.62 3.59 -2.39
N GLN A 319 16.46 2.73 -3.40
CA GLN A 319 17.62 2.14 -4.07
C GLN A 319 17.53 2.16 -5.59
N GLY A 320 16.43 2.66 -6.16
CA GLY A 320 16.28 2.65 -7.60
C GLY A 320 16.22 1.27 -8.22
N ILE A 321 15.89 0.25 -7.45
CA ILE A 321 15.85 -1.12 -7.97
C ILE A 321 14.64 -1.26 -8.90
N PRO A 322 14.80 -1.83 -10.09
CA PRO A 322 13.67 -1.94 -11.02
C PRO A 322 12.57 -2.85 -10.48
N MET A 323 11.34 -2.55 -10.88
CA MET A 323 10.16 -3.32 -10.47
C MET A 323 9.73 -4.24 -11.61
N ALA A 324 9.53 -5.51 -11.29
CA ALA A 324 9.09 -6.46 -12.30
C ALA A 324 7.59 -6.35 -12.57
N GLY A 325 6.79 -6.20 -11.53
CA GLY A 325 5.35 -6.10 -11.71
C GLY A 325 4.65 -5.87 -10.39
N ASN A 326 3.32 -5.86 -10.46
CA ASN A 326 2.45 -5.65 -9.31
C ASN A 326 1.70 -6.94 -9.00
N HIS A 327 0.50 -6.81 -8.42
CA HIS A 327 -0.25 -7.95 -7.88
C HIS A 327 -0.47 -9.06 -8.90
N LEU A 328 -1.31 -8.80 -9.90
CA LEU A 328 -1.64 -9.83 -10.89
C LEU A 328 -0.50 -10.11 -11.86
N MET A 329 0.68 -9.56 -11.63
CA MET A 329 1.85 -9.84 -12.47
C MET A 329 2.80 -10.84 -11.84
N THR A 330 2.60 -11.20 -10.58
CA THR A 330 3.55 -12.04 -9.87
C THR A 330 3.61 -13.45 -10.47
N GLU A 331 2.45 -14.00 -10.82
CA GLU A 331 2.45 -15.33 -11.46
C GLU A 331 3.11 -15.27 -12.82
N LEU A 332 2.74 -14.27 -13.64
CA LEU A 332 3.32 -14.13 -14.96
C LEU A 332 4.82 -13.87 -14.92
N ALA A 333 5.35 -13.40 -13.78
CA ALA A 333 6.78 -13.20 -13.67
C ALA A 333 7.53 -14.52 -13.63
N ILE A 334 6.91 -15.57 -13.09
CA ILE A 334 7.56 -16.88 -13.05
C ILE A 334 7.38 -17.61 -14.38
N VAL A 335 6.28 -17.33 -15.10
CA VAL A 335 6.06 -17.94 -16.41
C VAL A 335 7.16 -17.58 -17.40
N THR A 336 7.86 -16.46 -17.17
CA THR A 336 8.95 -16.07 -18.04
C THR A 336 10.07 -17.11 -18.08
N GLY A 337 10.12 -18.02 -17.10
CA GLY A 337 11.17 -19.00 -17.03
C GLY A 337 12.52 -18.46 -16.59
N ALA A 338 12.61 -17.17 -16.27
CA ALA A 338 13.86 -16.55 -15.85
C ALA A 338 13.92 -16.27 -14.35
N ALA A 339 12.80 -16.42 -13.64
CA ALA A 339 12.81 -16.20 -12.20
C ALA A 339 13.58 -17.31 -11.52
N ASP A 340 14.71 -16.95 -10.91
CA ASP A 340 15.55 -17.94 -10.24
C ASP A 340 15.22 -18.10 -8.76
N ALA A 341 14.60 -17.10 -8.15
CA ALA A 341 14.21 -17.18 -6.75
C ALA A 341 13.11 -16.18 -6.46
N ILE A 342 12.16 -16.58 -5.62
CA ILE A 342 11.12 -15.71 -5.11
C ILE A 342 11.33 -15.63 -3.60
N VAL A 343 11.72 -14.46 -3.12
CA VAL A 343 11.91 -14.21 -1.69
C VAL A 343 10.70 -13.44 -1.19
N ALA A 344 9.94 -14.05 -0.28
CA ALA A 344 8.69 -13.49 0.20
C ALA A 344 8.70 -13.43 1.73
N ASP A 345 8.05 -12.40 2.27
CA ASP A 345 7.86 -12.33 3.72
C ASP A 345 6.39 -12.54 4.06
N TYR A 346 5.54 -11.55 3.85
CA TYR A 346 4.11 -11.71 4.13
C TYR A 346 3.29 -10.72 3.33
N GLN A 347 1.98 -11.01 3.27
CA GLN A 347 0.95 -10.18 2.65
C GLN A 347 0.97 -10.24 1.13
N CYS A 348 -0.17 -10.62 0.54
CA CYS A 348 -0.43 -10.58 -0.90
C CYS A 348 0.45 -11.54 -1.70
N ILE A 349 1.05 -12.52 -1.05
CA ILE A 349 1.81 -13.56 -1.74
C ILE A 349 0.84 -14.71 -2.00
N MET A 350 0.29 -14.75 -3.21
CA MET A 350 -0.69 -15.77 -3.54
C MET A 350 -0.07 -17.16 -3.40
N PRO A 351 -0.72 -18.09 -2.71
CA PRO A 351 -0.15 -19.43 -2.54
C PRO A 351 0.00 -20.19 -3.85
N SER A 352 -0.68 -19.76 -4.91
CA SER A 352 -0.51 -20.41 -6.21
C SER A 352 0.89 -20.21 -6.78
N LEU A 353 1.64 -19.22 -6.27
CA LEU A 353 3.00 -19.02 -6.75
C LEU A 353 3.89 -20.22 -6.47
N VAL A 354 3.63 -20.93 -5.36
CA VAL A 354 4.44 -22.10 -5.02
C VAL A 354 4.23 -23.21 -6.04
N GLN A 355 3.01 -23.37 -6.54
CA GLN A 355 2.74 -24.40 -7.54
C GLN A 355 3.32 -24.01 -8.89
N ILE A 356 3.22 -22.74 -9.26
CA ILE A 356 3.75 -22.30 -10.55
C ILE A 356 5.28 -22.30 -10.53
N ALA A 357 5.89 -21.99 -9.39
CA ALA A 357 7.34 -22.12 -9.28
C ALA A 357 7.78 -23.57 -9.39
N ALA A 358 6.95 -24.51 -8.95
CA ALA A 358 7.30 -25.92 -9.08
C ALA A 358 7.32 -26.36 -10.53
N CYS A 359 6.49 -25.74 -11.39
CA CYS A 359 6.52 -26.05 -12.81
C CYS A 359 7.85 -25.73 -13.45
N TYR A 360 8.64 -24.86 -12.84
CA TYR A 360 9.93 -24.47 -13.38
C TYR A 360 11.08 -24.84 -12.45
N HIS A 361 12.15 -24.09 -12.49
CA HIS A 361 13.30 -24.25 -11.62
C HIS A 361 13.28 -23.28 -10.45
N THR A 362 12.29 -22.41 -10.38
CA THR A 362 12.29 -21.29 -9.45
C THR A 362 12.28 -21.79 -8.01
N ARG A 363 13.16 -21.22 -7.19
CA ARG A 363 13.24 -21.55 -5.78
C ARG A 363 12.38 -20.58 -4.98
N PHE A 364 11.32 -21.10 -4.35
CA PHE A 364 10.38 -20.28 -3.60
C PHE A 364 10.80 -20.26 -2.14
N VAL A 365 11.23 -19.09 -1.66
CA VAL A 365 11.78 -18.95 -0.31
C VAL A 365 10.86 -18.05 0.51
N THR A 366 10.55 -18.48 1.73
CA THR A 366 9.83 -17.68 2.70
C THR A 366 10.77 -17.33 3.85
N THR A 367 10.52 -16.16 4.46
CA THR A 367 11.44 -15.62 5.46
C THR A 367 10.79 -15.26 6.79
N SER A 368 9.46 -15.39 6.93
CA SER A 368 8.83 -14.88 8.13
C SER A 368 8.06 -15.98 8.86
N PRO A 369 8.04 -15.95 10.19
CA PRO A 369 7.17 -16.88 10.93
C PRO A 369 5.70 -16.70 10.61
N LYS A 370 5.30 -15.50 10.20
CA LYS A 370 3.91 -15.21 9.87
C LYS A 370 3.56 -15.58 8.44
N GLY A 371 4.53 -15.59 7.53
CA GLY A 371 4.26 -15.94 6.15
C GLY A 371 4.69 -17.34 5.76
N ARG A 372 3.97 -18.34 6.26
CA ARG A 372 4.30 -19.73 5.99
C ARG A 372 3.52 -20.25 4.79
N PHE A 373 4.18 -21.07 3.98
CA PHE A 373 3.58 -21.66 2.79
C PHE A 373 3.94 -23.14 2.73
N THR A 374 2.93 -23.99 2.58
CA THR A 374 3.14 -25.43 2.52
C THR A 374 3.89 -25.80 1.24
N GLY A 375 5.09 -26.35 1.40
CA GLY A 375 5.91 -26.74 0.27
C GLY A 375 6.99 -25.76 -0.12
N ALA A 376 7.20 -24.70 0.66
CA ALA A 376 8.18 -23.68 0.35
C ALA A 376 9.47 -23.92 1.15
N THR A 377 10.58 -23.42 0.60
CA THR A 377 11.86 -23.45 1.30
C THR A 377 11.87 -22.30 2.30
N HIS A 378 11.83 -22.63 3.59
CA HIS A 378 11.73 -21.62 4.64
C HIS A 378 13.12 -21.33 5.19
N VAL A 379 13.56 -20.09 5.02
CA VAL A 379 14.79 -19.58 5.63
C VAL A 379 14.38 -18.37 6.46
N GLU A 380 14.11 -18.60 7.75
CA GLU A 380 13.55 -17.56 8.60
C GLU A 380 14.60 -16.49 8.90
N VAL A 381 14.23 -15.23 8.65
CA VAL A 381 15.14 -14.10 8.77
C VAL A 381 14.73 -13.25 9.95
N HIS A 382 15.70 -12.89 10.78
CA HIS A 382 15.51 -12.01 11.93
C HIS A 382 16.66 -11.00 11.94
N PRO A 383 16.48 -9.88 12.64
CA PRO A 383 17.54 -8.86 12.65
C PRO A 383 18.91 -9.37 13.07
N HIS A 384 18.97 -10.36 13.97
CA HIS A 384 20.26 -10.83 14.45
C HIS A 384 20.95 -11.79 13.48
N ASN A 385 20.21 -12.38 12.54
CA ASN A 385 20.82 -13.30 11.57
C ASN A 385 20.44 -12.95 10.13
N ALA A 386 19.91 -11.75 9.90
CA ALA A 386 19.51 -11.38 8.54
C ALA A 386 20.70 -11.37 7.59
N GLN A 387 21.84 -10.83 8.05
CA GLN A 387 23.03 -10.77 7.19
C GLN A 387 23.54 -12.16 6.84
N GLU A 388 23.39 -13.13 7.77
CA GLU A 388 23.87 -14.47 7.51
C GLU A 388 22.87 -15.29 6.70
N ARG A 389 21.58 -15.16 7.01
CA ARG A 389 20.57 -15.97 6.32
C ARG A 389 20.36 -15.48 4.89
N CYS A 390 20.39 -14.17 4.66
CA CYS A 390 20.18 -13.65 3.31
C CYS A 390 21.31 -14.05 2.37
N ARG A 391 22.53 -14.18 2.88
CA ARG A 391 23.62 -14.70 2.07
C ARG A 391 23.33 -16.12 1.62
N GLU A 392 22.78 -16.94 2.52
CA GLU A 392 22.36 -18.29 2.16
C GLU A 392 21.25 -18.26 1.12
N ILE A 393 20.34 -17.29 1.22
CA ILE A 393 19.23 -17.22 0.28
C ILE A 393 19.73 -16.90 -1.12
N VAL A 394 20.68 -15.97 -1.24
CA VAL A 394 21.19 -15.62 -2.57
C VAL A 394 21.96 -16.78 -3.17
N MET A 395 22.64 -17.58 -2.34
CA MET A 395 23.34 -18.75 -2.86
C MET A 395 22.36 -19.77 -3.44
N LEU A 396 21.17 -19.90 -2.85
CA LEU A 396 20.15 -20.78 -3.40
C LEU A 396 19.64 -20.26 -4.75
N ALA A 397 19.65 -18.95 -4.94
CA ALA A 397 19.25 -18.40 -6.23
C ALA A 397 20.31 -18.67 -7.30
N ILE A 398 21.59 -18.47 -6.95
CA ILE A 398 22.67 -18.77 -7.89
C ILE A 398 22.64 -20.23 -8.28
N ASP A 399 22.36 -21.12 -7.32
CA ASP A 399 22.28 -22.54 -7.63
C ASP A 399 21.12 -22.83 -8.58
N ALA A 400 19.99 -22.14 -8.40
CA ALA A 400 18.85 -22.34 -9.29
C ALA A 400 19.15 -21.83 -10.69
N TYR A 401 20.06 -20.86 -10.83
CA TYR A 401 20.43 -20.38 -12.16
C TYR A 401 21.11 -21.47 -12.97
N THR A 402 21.83 -22.38 -12.32
CA THR A 402 22.49 -23.46 -13.03
C THR A 402 21.49 -24.47 -13.58
N ARG A 403 20.32 -24.58 -12.96
CA ARG A 403 19.30 -25.54 -13.36
C ARG A 403 18.21 -24.92 -14.21
N ARG A 404 18.42 -23.71 -14.71
CA ARG A 404 17.40 -23.04 -15.52
C ARG A 404 17.25 -23.74 -16.87
N ASP A 405 16.00 -23.85 -17.32
CA ASP A 405 15.71 -24.47 -18.61
C ASP A 405 15.80 -23.40 -19.69
N PRO A 406 16.80 -23.44 -20.57
CA PRO A 406 16.95 -22.35 -21.56
C PRO A 406 15.81 -22.29 -22.57
N ALA A 407 15.23 -23.42 -22.94
CA ALA A 407 14.18 -23.44 -23.96
C ALA A 407 12.84 -22.91 -23.45
N ARG A 408 12.72 -22.57 -22.17
CA ARG A 408 11.47 -22.09 -21.61
C ARG A 408 11.56 -20.64 -21.13
N VAL A 409 12.66 -19.95 -21.43
CA VAL A 409 12.84 -18.56 -21.01
C VAL A 409 12.37 -17.65 -22.13
N ASP A 410 11.41 -16.78 -21.83
CA ASP A 410 10.91 -15.79 -22.78
C ASP A 410 10.54 -14.54 -21.99
N ILE A 411 11.53 -13.69 -21.76
CA ILE A 411 11.32 -12.41 -21.09
C ILE A 411 10.66 -11.46 -22.08
N PRO A 412 9.41 -11.06 -21.85
CA PRO A 412 8.69 -10.23 -22.82
C PRO A 412 8.99 -8.74 -22.65
N SER A 413 8.75 -8.01 -23.74
CA SER A 413 8.75 -6.55 -23.76
C SER A 413 10.09 -5.93 -23.36
N GLN A 414 10.16 -4.60 -23.40
CA GLN A 414 11.34 -3.84 -23.07
C GLN A 414 11.07 -2.92 -21.89
N PRO A 415 12.03 -2.75 -20.97
CA PRO A 415 11.77 -1.97 -19.76
C PRO A 415 11.37 -0.52 -20.06
N VAL A 416 10.58 0.05 -19.16
CA VAL A 416 10.02 1.39 -19.31
C VAL A 416 10.58 2.29 -18.22
N SER A 417 11.05 3.46 -18.61
CA SER A 417 11.70 4.38 -17.67
C SER A 417 10.69 5.02 -16.73
N ILE A 418 11.10 5.20 -15.47
CA ILE A 418 10.28 5.84 -14.45
C ILE A 418 11.18 6.72 -13.59
N MET A 419 10.53 7.56 -12.79
CA MET A 419 11.19 8.36 -11.76
C MET A 419 10.44 8.15 -10.45
N SER A 420 11.17 7.90 -9.37
CA SER A 420 10.57 7.56 -8.09
C SER A 420 11.25 8.35 -6.98
N GLY A 421 10.85 8.09 -5.74
CA GLY A 421 11.49 8.67 -4.58
C GLY A 421 10.96 10.03 -4.17
N PHE A 422 9.65 10.24 -4.31
CA PHE A 422 9.04 11.51 -3.96
C PHE A 422 8.35 11.42 -2.59
N SER A 423 9.19 11.36 -1.57
CA SER A 423 8.70 11.48 -0.20
C SER A 423 8.32 12.93 0.08
N ASN A 424 7.72 13.16 1.25
CA ASN A 424 7.39 14.53 1.65
C ASN A 424 8.65 15.38 1.82
N GLU A 425 9.74 14.77 2.29
CA GLU A 425 10.99 15.50 2.41
C GLU A 425 11.55 15.87 1.04
N ALA A 426 11.41 14.97 0.06
CA ALA A 426 11.90 15.25 -1.28
C ALA A 426 11.02 16.28 -2.00
N ILE A 427 9.71 16.21 -1.77
CA ILE A 427 8.80 17.19 -2.37
C ILE A 427 9.11 18.58 -1.85
N LEU A 428 9.31 18.72 -0.54
CA LEU A 428 9.63 20.03 0.03
C LEU A 428 10.99 20.54 -0.44
N GLU A 429 11.93 19.64 -0.70
CA GLU A 429 13.24 20.07 -1.18
C GLU A 429 13.15 20.64 -2.59
N ALA A 430 12.33 20.03 -3.45
CA ALA A 430 12.12 20.57 -4.79
C ALA A 430 11.36 21.88 -4.76
N LEU A 431 10.58 22.14 -3.70
CA LEU A 431 9.84 23.38 -3.56
C LEU A 431 10.64 24.48 -2.88
N GLY A 432 11.88 24.20 -2.47
CA GLY A 432 12.67 25.18 -1.75
C GLY A 432 12.60 25.09 -0.25
N GLY A 433 12.20 23.94 0.29
CA GLY A 433 12.12 23.77 1.72
C GLY A 433 10.89 24.37 2.38
N THR A 434 9.85 24.70 1.62
CA THR A 434 8.67 25.34 2.15
C THR A 434 7.48 25.00 1.26
N PRO A 435 6.32 24.68 1.84
CA PRO A 435 5.14 24.38 1.01
C PRO A 435 4.50 25.59 0.38
N LYS A 436 5.02 26.81 0.61
CA LYS A 436 4.40 28.00 0.05
C LYS A 436 4.35 28.00 -1.48
N PRO A 437 5.39 27.58 -2.22
CA PRO A 437 5.24 27.48 -3.68
C PRO A 437 4.11 26.55 -4.10
N LEU A 438 3.92 25.45 -3.36
CA LEU A 438 2.83 24.53 -3.70
C LEU A 438 1.47 25.15 -3.42
N ILE A 439 1.35 25.88 -2.31
CA ILE A 439 0.09 26.52 -1.96
C ILE A 439 -0.30 27.56 -3.02
N ASP A 440 0.65 28.43 -3.39
CA ASP A 440 0.35 29.49 -4.34
C ASP A 440 -0.02 28.94 -5.71
N ALA A 441 0.55 27.80 -6.10
CA ALA A 441 0.12 27.16 -7.34
C ALA A 441 -1.31 26.66 -7.25
N VAL A 442 -1.73 26.19 -6.06
CA VAL A 442 -3.13 25.82 -5.86
C VAL A 442 -4.01 27.06 -5.75
N VAL A 443 -3.46 28.16 -5.23
CA VAL A 443 -4.23 29.41 -5.15
C VAL A 443 -4.50 29.96 -6.54
N ALA A 444 -3.50 29.92 -7.42
CA ALA A 444 -3.67 30.50 -8.75
C ALA A 444 -4.70 29.74 -9.57
N GLY A 445 -4.63 28.41 -9.57
CA GLY A 445 -5.51 27.60 -10.37
C GLY A 445 -4.75 26.69 -11.30
N GLN A 446 -3.43 26.65 -11.15
CA GLN A 446 -2.61 25.76 -11.96
C GLN A 446 -2.81 24.31 -11.53
N ILE A 447 -2.61 24.02 -10.25
CA ILE A 447 -2.91 22.72 -9.68
C ILE A 447 -4.24 22.87 -8.94
N ARG A 448 -5.30 22.34 -9.53
CA ARG A 448 -6.63 22.51 -8.95
C ARG A 448 -6.82 21.64 -7.71
N GLY A 449 -6.11 20.52 -7.63
CA GLY A 449 -6.23 19.65 -6.48
C GLY A 449 -5.25 18.50 -6.57
N PHE A 450 -5.17 17.77 -5.46
CA PHE A 450 -4.33 16.58 -5.36
C PHE A 450 -5.22 15.37 -5.12
N VAL A 451 -4.94 14.28 -5.83
CA VAL A 451 -5.65 13.02 -5.65
C VAL A 451 -4.64 11.90 -5.52
N GLY A 452 -4.69 11.18 -4.41
CA GLY A 452 -3.85 10.02 -4.24
C GLY A 452 -4.47 8.78 -4.82
N ILE A 453 -3.92 8.28 -5.93
CA ILE A 453 -4.38 7.05 -6.55
C ILE A 453 -3.61 5.89 -5.93
N VAL A 454 -4.33 5.00 -5.24
CA VAL A 454 -3.75 3.93 -4.46
C VAL A 454 -4.56 2.67 -4.72
N GLY A 455 -3.95 1.53 -4.45
CA GLY A 455 -4.70 0.30 -4.45
C GLY A 455 -4.07 -0.77 -5.29
N CYS A 456 -4.84 -1.82 -5.56
CA CYS A 456 -4.38 -3.10 -6.05
C CYS A 456 -4.81 -3.29 -7.51
N ASN A 457 -4.66 -4.53 -7.97
CA ASN A 457 -5.39 -5.04 -9.11
C ASN A 457 -6.52 -5.94 -8.62
N ASN A 458 -7.37 -6.34 -9.55
CA ASN A 458 -8.47 -7.23 -9.20
C ASN A 458 -8.91 -7.97 -10.47
N PRO A 459 -8.91 -9.30 -10.46
CA PRO A 459 -9.27 -10.05 -11.68
C PRO A 459 -10.65 -9.72 -12.22
N LYS A 460 -11.52 -9.11 -11.42
CA LYS A 460 -12.85 -8.71 -11.88
C LYS A 460 -12.81 -7.49 -12.78
N ILE A 461 -11.65 -6.85 -12.93
CA ILE A 461 -11.49 -5.68 -13.80
C ILE A 461 -10.24 -5.88 -14.64
N ARG A 462 -10.31 -5.48 -15.90
CA ARG A 462 -9.15 -5.52 -16.79
C ARG A 462 -7.97 -4.80 -16.14
N GLN A 463 -6.85 -5.50 -16.02
CA GLN A 463 -5.76 -5.05 -15.17
C GLN A 463 -5.27 -3.67 -15.54
N ASP A 464 -5.25 -2.78 -14.55
CA ASP A 464 -4.74 -1.41 -14.65
C ASP A 464 -5.51 -0.57 -15.66
N SER A 465 -6.64 -1.07 -16.18
CA SER A 465 -7.42 -0.28 -17.12
C SER A 465 -8.04 0.93 -16.42
N ALA A 466 -8.62 0.73 -15.23
CA ALA A 466 -9.22 1.82 -14.49
C ALA A 466 -8.16 2.66 -13.77
N ASN A 467 -7.05 2.05 -13.37
CA ASN A 467 -5.99 2.80 -12.71
C ASN A 467 -5.38 3.84 -13.63
N VAL A 468 -5.00 3.42 -14.84
CA VAL A 468 -4.34 4.34 -15.77
C VAL A 468 -5.34 5.32 -16.37
N THR A 469 -6.57 4.86 -16.64
CA THR A 469 -7.59 5.76 -17.18
C THR A 469 -7.82 6.94 -16.26
N LEU A 470 -8.08 6.67 -14.97
CA LEU A 470 -8.32 7.74 -14.01
C LEU A 470 -7.10 8.63 -13.88
N THR A 471 -5.89 8.05 -13.94
CA THR A 471 -4.68 8.84 -13.85
C THR A 471 -4.57 9.83 -15.02
N ARG A 472 -4.91 9.39 -16.23
CA ARG A 472 -4.89 10.29 -17.38
C ARG A 472 -5.98 11.36 -17.25
N GLU A 473 -7.17 10.97 -16.80
CA GLU A 473 -8.27 11.92 -16.68
C GLU A 473 -7.96 13.02 -15.67
N LEU A 474 -7.29 12.66 -14.57
CA LEU A 474 -7.05 13.64 -13.51
C LEU A 474 -5.95 14.62 -13.90
N ILE A 475 -4.84 14.12 -14.45
CA ILE A 475 -3.76 15.03 -14.83
C ILE A 475 -4.18 15.91 -16.00
N ARG A 476 -5.12 15.44 -16.82
CA ARG A 476 -5.62 16.27 -17.92
C ARG A 476 -6.46 17.43 -17.41
N ARG A 477 -7.11 17.27 -16.26
CA ARG A 477 -7.88 18.33 -15.64
C ARG A 477 -7.07 19.13 -14.62
N ASP A 478 -5.74 19.14 -14.76
CA ASP A 478 -4.85 19.90 -13.89
C ASP A 478 -4.96 19.45 -12.44
N ILE A 479 -4.98 18.15 -12.22
CA ILE A 479 -4.98 17.56 -10.89
C ILE A 479 -3.75 16.67 -10.75
N MET A 480 -2.88 17.01 -9.81
CA MET A 480 -1.69 16.20 -9.58
C MET A 480 -2.06 14.90 -8.89
N VAL A 481 -1.45 13.80 -9.36
CA VAL A 481 -1.73 12.46 -8.86
C VAL A 481 -0.56 12.01 -8.00
N LEU A 482 -0.87 11.52 -6.80
CA LEU A 482 0.12 10.92 -5.90
C LEU A 482 -0.12 9.41 -5.92
N ALA A 483 0.87 8.66 -6.43
CA ALA A 483 0.72 7.23 -6.65
C ALA A 483 1.46 6.44 -5.59
N THR A 484 0.79 5.44 -5.02
CA THR A 484 1.41 4.52 -4.08
C THR A 484 0.91 3.11 -4.37
N GLY A 485 1.62 2.13 -3.80
CA GLY A 485 1.18 0.76 -3.94
C GLY A 485 1.35 0.22 -5.36
N CYS A 486 0.47 -0.71 -5.72
CA CYS A 486 0.56 -1.36 -7.02
C CYS A 486 0.17 -0.46 -8.19
N VAL A 487 -0.42 0.71 -7.92
CA VAL A 487 -0.71 1.65 -8.99
C VAL A 487 0.56 2.24 -9.56
N THR A 488 1.67 2.17 -8.80
CA THR A 488 2.96 2.63 -9.32
C THR A 488 3.31 1.91 -10.62
N THR A 489 3.13 0.59 -10.65
CA THR A 489 3.41 -0.17 -11.86
C THR A 489 2.49 0.25 -13.00
N ALA A 490 1.22 0.52 -12.69
CA ALA A 490 0.28 0.97 -13.71
C ALA A 490 0.69 2.32 -14.28
N ALA A 491 1.02 3.27 -13.40
CA ALA A 491 1.41 4.60 -13.86
C ALA A 491 2.77 4.56 -14.56
N GLY A 492 3.71 3.76 -14.04
CA GLY A 492 5.02 3.70 -14.64
C GLY A 492 5.02 3.14 -16.04
N LYS A 493 4.32 2.01 -16.23
CA LYS A 493 4.25 1.38 -17.55
C LYS A 493 3.47 2.22 -18.56
N ALA A 494 2.71 3.21 -18.10
CA ALA A 494 2.01 4.13 -18.98
C ALA A 494 2.84 5.35 -19.36
N GLY A 495 4.12 5.37 -18.98
CA GLY A 495 4.97 6.50 -19.29
C GLY A 495 4.60 7.77 -18.55
N LEU A 496 3.97 7.65 -17.38
CA LEU A 496 3.48 8.82 -16.65
C LEU A 496 4.34 9.19 -15.46
N LEU A 497 5.40 8.42 -15.17
CA LEU A 497 6.29 8.70 -14.05
C LEU A 497 7.59 9.34 -14.49
N VAL A 498 7.56 10.11 -15.58
CA VAL A 498 8.74 10.82 -16.06
C VAL A 498 8.39 12.29 -16.22
N PRO A 499 9.38 13.19 -16.15
CA PRO A 499 9.09 14.62 -16.36
C PRO A 499 8.56 14.94 -17.73
N GLU A 500 8.82 14.11 -18.74
CA GLU A 500 8.28 14.34 -20.07
C GLU A 500 6.79 14.05 -20.15
N ALA A 501 6.20 13.41 -19.13
CA ALA A 501 4.77 13.14 -19.13
C ALA A 501 3.93 14.38 -18.89
N ALA A 502 4.57 15.53 -18.65
CA ALA A 502 3.82 16.78 -18.51
C ALA A 502 3.05 17.13 -19.77
N SER A 503 3.46 16.60 -20.93
CA SER A 503 2.72 16.82 -22.16
C SER A 503 1.35 16.16 -22.14
N LYS A 504 1.12 15.20 -21.25
CA LYS A 504 -0.18 14.56 -21.10
C LYS A 504 -1.04 15.23 -20.03
N ALA A 505 -0.58 16.33 -19.45
CA ALA A 505 -1.31 17.05 -18.42
C ALA A 505 -1.84 18.37 -18.98
N GLY A 506 -2.74 18.98 -18.22
CA GLY A 506 -3.29 20.27 -18.59
C GLY A 506 -2.24 21.36 -18.59
N GLU A 507 -2.66 22.53 -19.07
CA GLU A 507 -1.72 23.64 -19.26
C GLU A 507 -1.15 24.12 -17.92
N GLY A 508 -1.99 24.22 -16.89
CA GLY A 508 -1.52 24.70 -15.61
C GLY A 508 -0.60 23.71 -14.90
N LEU A 509 -1.00 22.44 -14.89
CA LEU A 509 -0.19 21.42 -14.23
C LEU A 509 1.12 21.18 -14.97
N ALA A 510 1.09 21.22 -16.31
CA ALA A 510 2.31 21.00 -17.07
C ALA A 510 3.32 22.12 -16.81
N ALA A 511 2.85 23.35 -16.64
CA ALA A 511 3.75 24.47 -16.38
C ALA A 511 4.43 24.32 -15.04
N VAL A 512 3.71 23.81 -14.03
CA VAL A 512 4.31 23.61 -12.72
C VAL A 512 5.31 22.46 -12.76
N CYS A 513 4.96 21.36 -13.45
CA CYS A 513 5.84 20.20 -13.49
C CYS A 513 7.16 20.54 -14.18
N ARG A 514 7.11 21.25 -15.30
CA ARG A 514 8.33 21.64 -15.99
C ARG A 514 9.16 22.62 -15.19
N SER A 515 8.54 23.38 -14.27
CA SER A 515 9.30 24.30 -13.43
C SER A 515 10.15 23.55 -12.42
N LEU A 516 9.63 22.46 -11.86
CA LEU A 516 10.34 21.69 -10.85
C LEU A 516 11.12 20.51 -11.42
N GLY A 517 10.88 20.15 -12.68
CA GLY A 517 11.51 18.97 -13.24
C GLY A 517 10.95 17.66 -12.72
N VAL A 518 9.68 17.67 -12.33
CA VAL A 518 9.05 16.49 -11.72
C VAL A 518 7.95 15.99 -12.66
N PRO A 519 7.49 14.76 -12.50
CA PRO A 519 6.38 14.26 -13.33
C PRO A 519 5.05 14.76 -12.81
N PRO A 520 3.98 14.64 -13.61
CA PRO A 520 2.64 14.97 -13.09
C PRO A 520 2.09 13.92 -12.13
N VAL A 521 2.69 12.73 -12.07
CA VAL A 521 2.33 11.69 -11.13
C VAL A 521 3.53 11.43 -10.24
N LEU A 522 3.40 11.73 -8.96
CA LEU A 522 4.49 11.58 -8.00
C LEU A 522 4.37 10.23 -7.30
N HIS A 523 5.39 9.39 -7.45
CA HIS A 523 5.45 8.11 -6.74
C HIS A 523 5.88 8.37 -5.30
N MET A 524 5.01 8.03 -4.35
CA MET A 524 5.28 8.29 -2.94
C MET A 524 5.52 7.02 -2.14
N GLY A 525 5.57 5.85 -2.78
CA GLY A 525 6.07 4.65 -2.16
C GLY A 525 5.04 3.54 -2.13
N SER A 526 5.12 2.71 -1.09
CA SER A 526 4.30 1.53 -0.96
C SER A 526 2.97 1.88 -0.28
N CYS A 527 2.21 0.85 0.11
CA CYS A 527 0.91 1.08 0.73
C CYS A 527 1.04 1.77 2.07
N VAL A 528 2.01 1.34 2.90
CA VAL A 528 2.21 1.98 4.19
C VAL A 528 2.64 3.43 4.02
N ASP A 529 3.25 3.76 2.88
CA ASP A 529 3.62 5.14 2.59
C ASP A 529 2.44 6.02 2.26
N ASN A 530 1.21 5.49 2.29
CA ASN A 530 0.04 6.34 2.23
C ASN A 530 -0.05 7.29 3.42
N SER A 531 0.69 6.99 4.49
CA SER A 531 0.82 7.93 5.60
C SER A 531 1.55 9.19 5.19
N ARG A 532 2.38 9.14 4.15
CA ARG A 532 3.00 10.35 3.63
C ARG A 532 1.95 11.31 3.10
N ILE A 533 0.91 10.78 2.47
CA ILE A 533 -0.18 11.62 1.97
C ILE A 533 -0.94 12.27 3.13
N LEU A 534 -1.21 11.49 4.18
CA LEU A 534 -1.80 12.06 5.39
C LEU A 534 -0.89 13.13 5.97
N GLN A 535 0.42 12.87 5.99
CA GLN A 535 1.37 13.85 6.52
C GLN A 535 1.35 15.13 5.69
N LEU A 536 1.24 14.99 4.37
CA LEU A 536 1.20 16.17 3.51
C LEU A 536 -0.13 16.90 3.63
N CYS A 537 -1.24 16.15 3.71
CA CYS A 537 -2.55 16.77 3.89
C CYS A 537 -2.63 17.47 5.25
N ALA A 538 -2.06 16.87 6.29
CA ALA A 538 -2.05 17.53 7.60
C ALA A 538 -1.16 18.76 7.60
N LEU A 539 -0.06 18.74 6.84
CA LEU A 539 0.83 19.90 6.79
C LEU A 539 0.20 21.05 6.03
N LEU A 540 -0.51 20.77 4.95
CA LEU A 540 -1.15 21.83 4.17
C LEU A 540 -2.32 22.44 4.93
N ALA A 541 -3.10 21.60 5.62
CA ALA A 541 -4.21 22.12 6.41
C ALA A 541 -3.73 22.92 7.61
N THR A 542 -2.56 22.56 8.17
CA THR A 542 -2.03 23.29 9.30
C THR A 542 -1.53 24.66 8.87
N THR A 543 -0.77 24.73 7.78
CA THR A 543 -0.30 26.02 7.28
C THR A 543 -1.44 26.92 6.85
N LEU A 544 -2.51 26.34 6.28
CA LEU A 544 -3.67 27.12 5.89
C LEU A 544 -4.58 27.45 7.06
N GLY A 545 -4.44 26.76 8.19
CA GLY A 545 -5.30 26.97 9.33
C GLY A 545 -6.68 26.39 9.22
N VAL A 546 -6.92 25.48 8.28
CA VAL A 546 -8.23 24.88 8.09
C VAL A 546 -8.17 23.40 8.41
N ASP A 547 -9.28 22.70 8.22
CA ASP A 547 -9.33 21.26 8.42
C ASP A 547 -8.90 20.54 7.15
N ILE A 548 -8.59 19.24 7.30
CA ILE A 548 -8.29 18.42 6.13
C ILE A 548 -9.50 18.31 5.23
N SER A 549 -10.71 18.33 5.81
CA SER A 549 -11.95 18.31 5.06
C SER A 549 -12.18 19.59 4.27
N ASP A 550 -11.30 20.58 4.39
CA ASP A 550 -11.38 21.80 3.59
C ASP A 550 -10.38 21.82 2.44
N LEU A 551 -9.38 20.95 2.46
CA LEU A 551 -8.37 20.95 1.40
C LEU A 551 -8.93 20.33 0.13
N PRO A 552 -8.53 20.82 -1.05
CA PRO A 552 -8.96 20.18 -2.32
C PRO A 552 -8.17 18.90 -2.58
N VAL A 553 -8.52 17.85 -1.84
CA VAL A 553 -7.82 16.57 -1.92
C VAL A 553 -8.83 15.46 -2.15
N GLY A 554 -8.32 14.32 -2.61
CA GLY A 554 -9.14 13.15 -2.86
C GLY A 554 -8.28 11.91 -2.86
N ALA A 555 -8.96 10.76 -2.82
CA ALA A 555 -8.29 9.47 -2.84
C ALA A 555 -9.15 8.50 -3.64
N SER A 556 -8.49 7.51 -4.25
CA SER A 556 -9.19 6.58 -5.12
C SER A 556 -8.49 5.23 -5.11
N SER A 557 -9.28 4.17 -5.17
CA SER A 557 -8.77 2.81 -5.36
C SER A 557 -9.64 2.11 -6.38
N PRO A 558 -9.38 2.34 -7.67
CA PRO A 558 -10.29 1.82 -8.70
C PRO A 558 -10.32 0.31 -8.80
N GLU A 559 -9.24 -0.38 -8.43
CA GLU A 559 -9.14 -1.82 -8.59
C GLU A 559 -8.68 -2.49 -7.30
N TRP A 560 -9.23 -2.07 -6.17
CA TRP A 560 -8.81 -2.60 -4.89
C TRP A 560 -9.33 -4.04 -4.71
N TYR A 561 -8.65 -4.79 -3.85
CA TYR A 561 -9.09 -6.14 -3.52
C TYR A 561 -8.97 -6.50 -2.05
N SER A 562 -8.00 -5.98 -1.32
CA SER A 562 -7.65 -6.50 -0.01
C SER A 562 -8.39 -5.78 1.11
N GLU A 563 -8.47 -6.45 2.27
CA GLU A 563 -8.87 -5.77 3.50
C GLU A 563 -8.02 -4.54 3.74
N LYS A 564 -6.78 -4.57 3.25
CA LYS A 564 -5.83 -3.52 3.55
C LYS A 564 -6.19 -2.22 2.84
N ALA A 565 -6.58 -2.31 1.56
CA ALA A 565 -7.01 -1.12 0.84
C ALA A 565 -8.29 -0.53 1.43
N ALA A 566 -9.18 -1.38 1.93
CA ALA A 566 -10.39 -0.89 2.58
C ALA A 566 -10.07 -0.11 3.84
N ALA A 567 -9.06 -0.57 4.61
CA ALA A 567 -8.64 0.18 5.79
C ALA A 567 -8.00 1.50 5.40
N ILE A 568 -7.24 1.51 4.30
CA ILE A 568 -6.66 2.76 3.80
C ILE A 568 -7.77 3.72 3.39
N ALA A 569 -8.76 3.22 2.64
CA ALA A 569 -9.88 4.06 2.24
C ALA A 569 -10.68 4.54 3.45
N MET A 570 -10.78 3.71 4.49
CA MET A 570 -11.55 4.10 5.66
C MET A 570 -10.87 5.23 6.43
N TYR A 571 -9.56 5.13 6.65
CA TYR A 571 -8.89 6.20 7.40
C TYR A 571 -8.66 7.44 6.55
N ALA A 572 -8.75 7.33 5.22
CA ALA A 572 -8.78 8.52 4.39
C ALA A 572 -10.09 9.27 4.55
N VAL A 573 -11.21 8.54 4.54
CA VAL A 573 -12.52 9.15 4.76
C VAL A 573 -12.58 9.76 6.15
N ALA A 574 -12.15 9.01 7.17
CA ALA A 574 -12.22 9.50 8.55
C ALA A 574 -11.33 10.70 8.77
N SER A 575 -10.30 10.89 7.95
CA SER A 575 -9.43 12.06 8.03
C SER A 575 -9.95 13.25 7.23
N GLY A 576 -11.08 13.10 6.52
CA GLY A 576 -11.64 14.20 5.78
C GLY A 576 -11.28 14.24 4.32
N ILE A 577 -10.95 13.10 3.73
CA ILE A 577 -10.57 13.00 2.32
C ILE A 577 -11.63 12.19 1.61
N PRO A 578 -12.35 12.77 0.64
CA PRO A 578 -13.31 11.98 -0.14
C PRO A 578 -12.61 10.89 -0.93
N THR A 579 -13.04 9.65 -0.69
CA THR A 579 -12.36 8.47 -1.22
C THR A 579 -13.28 7.73 -2.18
N HIS A 580 -12.75 7.36 -3.33
CA HIS A 580 -13.49 6.64 -4.36
C HIS A 580 -13.02 5.19 -4.42
N LEU A 581 -13.97 4.28 -4.55
CA LEU A 581 -13.70 2.86 -4.68
C LEU A 581 -14.32 2.35 -5.98
N GLY A 582 -13.54 1.58 -6.75
CA GLY A 582 -14.04 0.99 -7.97
C GLY A 582 -15.13 -0.03 -7.70
N LEU A 583 -14.79 -1.09 -6.99
CA LEU A 583 -15.73 -2.11 -6.57
C LEU A 583 -16.26 -1.81 -5.17
N PRO A 584 -17.50 -2.18 -4.87
CA PRO A 584 -18.06 -1.89 -3.55
C PRO A 584 -17.64 -2.95 -2.55
N PRO A 585 -17.54 -2.59 -1.27
CA PRO A 585 -17.37 -3.60 -0.22
C PRO A 585 -18.63 -4.46 -0.11
N ASN A 586 -18.50 -5.56 0.62
CA ASN A 586 -19.60 -6.50 0.82
C ASN A 586 -20.57 -5.93 1.86
N ILE A 587 -21.21 -4.82 1.49
CA ILE A 587 -22.11 -4.10 2.39
C ILE A 587 -23.46 -3.77 1.76
N LEU A 588 -23.69 -4.16 0.50
CA LEU A 588 -24.91 -3.75 -0.19
C LEU A 588 -26.16 -4.42 0.36
N GLY A 589 -26.02 -5.42 1.22
CA GLY A 589 -27.19 -6.04 1.82
C GLY A 589 -27.86 -5.23 2.90
N SER A 590 -27.31 -4.06 3.23
CA SER A 590 -27.90 -3.16 4.22
C SER A 590 -27.91 -1.75 3.64
N GLU A 591 -29.10 -1.21 3.43
CA GLU A 591 -29.22 0.14 2.87
C GLU A 591 -28.71 1.18 3.87
N ASN A 592 -28.96 0.97 5.16
CA ASN A 592 -28.56 1.94 6.17
C ASN A 592 -27.03 2.01 6.28
N VAL A 593 -26.37 0.86 6.23
CA VAL A 593 -24.90 0.87 6.22
C VAL A 593 -24.38 1.46 4.92
N THR A 594 -25.04 1.13 3.80
CA THR A 594 -24.66 1.72 2.52
C THR A 594 -24.90 3.22 2.51
N ALA A 595 -26.05 3.67 3.04
CA ALA A 595 -26.32 5.10 3.09
C ALA A 595 -25.38 5.82 4.04
N MET A 596 -24.90 5.14 5.08
CA MET A 596 -23.94 5.76 5.99
C MET A 596 -22.58 5.92 5.32
N ALA A 597 -22.10 4.86 4.65
CA ALA A 597 -20.80 4.93 4.01
C ALA A 597 -20.78 5.93 2.86
N LEU A 598 -21.87 5.98 2.08
CA LEU A 598 -21.91 6.82 0.90
C LEU A 598 -22.38 8.24 1.19
N HIS A 599 -23.26 8.42 2.16
CA HIS A 599 -23.81 9.76 2.42
C HIS A 599 -23.73 10.15 3.88
N GLY A 600 -23.93 9.20 4.79
CA GLY A 600 -24.00 9.54 6.20
C GLY A 600 -22.69 10.08 6.77
N LEU A 601 -21.56 9.53 6.33
CA LEU A 601 -20.27 9.97 6.85
C LEU A 601 -19.94 11.40 6.44
N GLN A 602 -20.58 11.93 5.39
CA GLN A 602 -20.28 13.28 4.94
C GLN A 602 -20.57 14.31 6.03
N ASP A 603 -21.64 14.10 6.80
CA ASP A 603 -21.96 15.00 7.89
C ASP A 603 -21.08 14.75 9.11
N VAL A 604 -20.64 13.51 9.29
CA VAL A 604 -19.90 13.15 10.51
C VAL A 604 -18.46 13.62 10.43
N VAL A 605 -17.71 13.14 9.44
CA VAL A 605 -16.28 13.38 9.35
C VAL A 605 -15.89 14.31 8.23
N GLY A 606 -16.85 14.74 7.40
CA GLY A 606 -16.56 15.66 6.31
C GLY A 606 -16.19 15.00 4.99
N ALA A 607 -16.33 13.68 4.88
CA ALA A 607 -16.05 12.97 3.64
C ALA A 607 -16.87 11.69 3.64
N ALA A 608 -16.83 10.98 2.51
CA ALA A 608 -17.60 9.76 2.38
C ALA A 608 -16.98 8.89 1.30
N PHE A 609 -17.49 7.66 1.20
CA PHE A 609 -17.05 6.74 0.17
C PHE A 609 -17.78 7.01 -1.15
N MET A 610 -17.11 6.69 -2.25
CA MET A 610 -17.67 6.83 -3.58
C MET A 610 -17.45 5.53 -4.33
N VAL A 611 -18.52 4.83 -4.66
CA VAL A 611 -18.45 3.59 -5.42
C VAL A 611 -18.85 3.91 -6.86
N GLU A 612 -17.93 3.66 -7.79
CA GLU A 612 -18.18 3.93 -9.19
C GLU A 612 -17.26 3.10 -10.07
N PRO A 613 -17.79 2.14 -10.83
CA PRO A 613 -16.93 1.36 -11.72
C PRO A 613 -16.51 2.10 -12.98
N ASP A 614 -17.09 3.27 -13.26
CA ASP A 614 -16.69 4.06 -14.42
C ASP A 614 -15.59 5.02 -14.01
N PRO A 615 -14.36 4.86 -14.51
CA PRO A 615 -13.27 5.74 -14.08
C PRO A 615 -13.45 7.18 -14.52
N VAL A 616 -14.03 7.42 -15.70
CA VAL A 616 -14.27 8.79 -16.14
C VAL A 616 -15.30 9.47 -15.24
N LYS A 617 -16.35 8.73 -14.86
CA LYS A 617 -17.35 9.27 -13.95
C LYS A 617 -16.74 9.55 -12.58
N ALA A 618 -15.83 8.68 -12.13
CA ALA A 618 -15.16 8.90 -10.84
C ALA A 618 -14.27 10.13 -10.89
N ALA A 619 -13.72 10.45 -12.08
CA ALA A 619 -12.94 11.67 -12.22
C ALA A 619 -13.83 12.91 -12.07
N ASP A 620 -15.10 12.82 -12.49
CA ASP A 620 -16.02 13.93 -12.28
C ASP A 620 -16.37 14.09 -10.81
N MET A 621 -16.61 12.97 -10.13
CA MET A 621 -16.97 13.03 -8.71
C MET A 621 -15.81 13.53 -7.87
N LEU A 622 -14.60 13.07 -8.16
CA LEU A 622 -13.42 13.56 -7.44
C LEU A 622 -13.21 15.05 -7.71
N GLU A 623 -13.36 15.47 -8.96
CA GLU A 623 -13.19 16.88 -9.29
C GLU A 623 -14.31 17.73 -8.70
N ALA A 624 -15.53 17.19 -8.63
CA ALA A 624 -16.64 17.93 -8.04
C ALA A 624 -16.39 18.20 -6.56
N HIS A 625 -15.83 17.22 -5.84
CA HIS A 625 -15.45 17.46 -4.45
C HIS A 625 -14.35 18.50 -4.35
N ILE A 626 -13.38 18.43 -5.27
CA ILE A 626 -12.23 19.34 -5.22
C ILE A 626 -12.66 20.77 -5.49
N VAL A 627 -13.49 20.98 -6.51
CA VAL A 627 -13.93 22.34 -6.82
C VAL A 627 -14.79 22.90 -5.71
N ALA A 628 -15.55 22.04 -5.02
CA ALA A 628 -16.33 22.50 -3.88
C ALA A 628 -15.42 22.98 -2.75
N ARG A 629 -14.34 22.24 -2.48
CA ARG A 629 -13.40 22.66 -1.44
C ARG A 629 -12.58 23.86 -1.87
N ARG A 630 -12.33 24.01 -3.18
CA ARG A 630 -11.72 25.24 -3.67
C ARG A 630 -12.64 26.43 -3.45
N ALA A 631 -13.94 26.25 -3.68
CA ALA A 631 -14.89 27.31 -3.41
C ALA A 631 -14.94 27.63 -1.92
N ARG A 632 -14.94 26.60 -1.06
CA ARG A 632 -14.99 26.83 0.38
C ARG A 632 -13.78 27.62 0.86
N LEU A 633 -12.67 27.56 0.13
CA LEU A 633 -11.50 28.38 0.41
C LEU A 633 -11.53 29.71 -0.31
N GLY A 634 -12.56 29.97 -1.12
CA GLY A 634 -12.64 31.19 -1.89
C GLY A 634 -11.58 31.31 -2.97
N LEU A 635 -11.26 30.21 -3.64
CA LEU A 635 -10.24 30.18 -4.67
C LEU A 635 -10.88 30.13 -6.05
N THR A 636 -10.05 30.38 -7.07
CA THR A 636 -10.49 30.36 -8.45
C THR A 636 -10.32 28.97 -9.07
FE1 SF4 B . -24.24 -14.34 13.73
FE2 SF4 B . -26.38 -16.02 13.70
FE3 SF4 B . -26.19 -14.09 15.63
FE4 SF4 B . -24.51 -16.23 15.69
S1 SF4 B . -26.77 -16.27 15.94
S2 SF4 B . -23.93 -14.04 15.98
S3 SF4 B . -24.18 -16.60 13.46
S4 SF4 B . -26.42 -13.77 13.38
FE1 XCC C . -1.31 -5.85 -1.84
FE2 XCC C . 0.91 -3.81 -0.81
FE3 XCC C . -2.94 -4.11 -2.84
FE4 XCC C . -0.52 -4.28 -3.99
S1 XCC C . -1.63 -2.39 -3.46
S2 XCC C . -2.12 -5.96 -3.98
S4 XCC C . -2.82 -4.57 -0.68
S3 XCC C . 0.88 -5.28 -2.53
#